data_4K90
#
_entry.id   4K90
#
_cell.length_a   85.398
_cell.length_b   85.398
_cell.length_c   176.092
_cell.angle_alpha   90.00
_cell.angle_beta   90.00
_cell.angle_gamma   120.00
#
_symmetry.space_group_name_H-M   'P 65'
#
loop_
_entity.id
_entity.type
_entity.pdbx_description
1 polymer 'Extracellular metalloproteinase mep'
2 polymer 'Extracellular metalloproteinase mep'
3 branched beta-D-mannopyranose-(1-4)-2-acetamido-2-deoxy-beta-D-glucopyranose-(1-4)-2-acetamido-2-deoxy-beta-D-glucopyranose
4 non-polymer 'ZINC ION'
5 non-polymer 'CALCIUM ION'
6 non-polymer 'MALONIC ACID'
7 non-polymer 'BORIC ACID'
8 non-polymer GLYCEROL
9 water water
#
loop_
_entity_poly.entity_id
_entity_poly.type
_entity_poly.pdbx_seq_one_letter_code
_entity_poly.pdbx_strand_id
1 'polypeptide(L)'
;ADYQVYAWGINDPTEGERTVIKDPWDSVASEFTWISDGSTNYTTSRGNNGIAQSNPSGGPSYLNNYRPSSSSLSFKYPYS
VSSSPPSSYIDASIIQLFYTANIYHDLLYTLGFTEKAGNFEYNTNGQGGLGNDYVILNAQDGSGTNNANFATPPDGQPGR
MRMYVWTESTPYRDGSFEAGIVIHEYTHGLSNRLTGGPANSNCLNALESGGMGEGWSDFMATAIRLKPGDKRSTDYTMGE
WASNRAGGIRQYPYSTSLSTNPLTYTSVNSLNAVHAIGTVWASMLYEVLWNLIDKHGKNDAPKPTLRDGVPTDGKYLAMK
LVMDGMALQPCNPNFVQARDAILDADTALTGGENQCEIWTAFAKRGLGAGAKYSSRNRVGSTEVPSGVC
;
A
2 'polypeptide(L)'
;TVDLNAFRLKSLAKYVNATETVIEAPSSFAPFKPQSYVEVATQHVKMIAPDATFRVVDDHYVGDNGVAHVHFRQTANGLD
IDNADFNVNVGKDGKVFSYGNSFYTGQIPSSAALTKRDFSDPVTALKGTTNTLQLPITVDSASSESTEEKESYVFKGVSG
TVSDPKAKLVYFVKDDGTLALAWRVETDIDSNWLLTYIDAKSGEEIHGVVDYVAE
;
B
#
loop_
_chem_comp.id
_chem_comp.type
_chem_comp.name
_chem_comp.formula
BMA D-saccharide, beta linking beta-D-mannopyranose 'C6 H12 O6'
BO3 non-polymer 'BORIC ACID' 'B H3 O3'
CA non-polymer 'CALCIUM ION' 'Ca 2'
GOL non-polymer GLYCEROL 'C3 H8 O3'
MLA non-polymer 'MALONIC ACID' 'C3 H4 O4'
NAG D-saccharide, beta linking 2-acetamido-2-deoxy-beta-D-glucopyranose 'C8 H15 N O6'
ZN non-polymer 'ZINC ION' 'Zn 2'
#
# COMPACT_ATOMS: atom_id res chain seq x y z
N ALA A 1 -1.49 -1.47 -31.72
CA ALA A 1 -2.00 -0.31 -30.92
C ALA A 1 -0.88 0.69 -30.64
N ASP A 2 -1.21 1.97 -30.76
CA ASP A 2 -0.25 3.07 -30.60
C ASP A 2 -0.67 3.92 -29.43
N TYR A 3 0.30 4.38 -28.65
CA TYR A 3 0.05 5.31 -27.55
C TYR A 3 0.97 6.49 -27.69
N GLN A 4 0.40 7.68 -27.88
CA GLN A 4 1.21 8.89 -27.86
C GLN A 4 1.27 9.41 -26.44
N VAL A 5 2.45 9.28 -25.83
CA VAL A 5 2.64 9.54 -24.40
C VAL A 5 4.05 9.98 -24.08
N TYR A 6 4.25 10.48 -22.88
CA TYR A 6 5.58 10.61 -22.32
C TYR A 6 5.94 9.21 -21.85
N ALA A 7 7.02 8.66 -22.42
CA ALA A 7 7.43 7.29 -22.16
C ALA A 7 7.76 7.05 -20.68
N TRP A 8 7.63 5.79 -20.26
CA TRP A 8 8.02 5.36 -18.93
C TRP A 8 9.40 5.87 -18.54
N GLY A 9 9.50 6.42 -17.33
CA GLY A 9 10.76 6.93 -16.82
C GLY A 9 10.92 8.42 -16.97
N ILE A 10 10.08 9.04 -17.81
CA ILE A 10 9.97 10.50 -17.90
C ILE A 10 8.97 10.97 -16.85
N ASN A 11 9.48 11.63 -15.81
CA ASN A 11 8.67 11.98 -14.64
C ASN A 11 7.55 12.98 -14.91
N ASP A 12 7.83 13.97 -15.76
CA ASP A 12 6.87 15.05 -16.01
C ASP A 12 7.21 15.69 -17.37
N PRO A 13 6.31 16.52 -17.93
CA PRO A 13 6.59 17.10 -19.26
C PRO A 13 7.91 17.87 -19.43
N THR A 14 8.54 18.28 -18.33
CA THR A 14 9.80 19.02 -18.41
C THR A 14 11.02 18.15 -18.69
N GLU A 15 10.83 16.83 -18.64
CA GLU A 15 11.95 15.90 -18.70
C GLU A 15 12.04 15.07 -19.98
N GLY A 16 11.15 15.33 -20.93
CA GLY A 16 11.20 14.68 -22.24
C GLY A 16 10.10 15.13 -23.17
N GLU A 17 10.03 14.47 -24.33
CA GLU A 17 8.98 14.72 -25.29
C GLU A 17 8.10 13.49 -25.38
N ARG A 18 6.88 13.68 -25.86
CA ARG A 18 6.00 12.57 -26.12
C ARG A 18 6.47 11.82 -27.36
N THR A 19 6.24 10.50 -27.36
CA THR A 19 6.58 9.64 -28.50
C THR A 19 5.40 8.72 -28.77
N VAL A 20 5.41 8.05 -29.93
CA VAL A 20 4.34 7.10 -30.25
C VAL A 20 4.89 5.71 -30.00
N ILE A 21 4.26 5.01 -29.05
CA ILE A 21 4.78 3.72 -28.58
C ILE A 21 3.80 2.62 -28.99
N LYS A 22 4.32 1.60 -29.67
CA LYS A 22 3.51 0.51 -30.16
C LYS A 22 3.46 -0.65 -29.17
N ASP A 23 2.25 -1.16 -28.92
CA ASP A 23 2.01 -2.34 -28.07
C ASP A 23 2.97 -2.39 -26.87
N PRO A 24 2.80 -1.47 -25.91
CA PRO A 24 3.81 -1.32 -24.85
C PRO A 24 3.64 -2.32 -23.70
N TRP A 25 2.63 -3.17 -23.79
CA TRP A 25 2.38 -4.20 -22.79
C TRP A 25 3.43 -5.31 -22.73
N ASP A 26 3.60 -5.84 -21.53
CA ASP A 26 4.46 -6.99 -21.29
C ASP A 26 3.63 -8.24 -21.53
N SER A 27 4.15 -9.12 -22.37
CA SER A 27 3.43 -10.32 -22.79
C SER A 27 3.11 -11.28 -21.64
N VAL A 28 3.99 -11.32 -20.64
CA VAL A 28 3.79 -12.18 -19.47
C VAL A 28 2.83 -11.52 -18.46
N ALA A 29 3.09 -10.26 -18.13
CA ALA A 29 2.35 -9.56 -17.10
C ALA A 29 0.95 -9.19 -17.55
N SER A 30 0.81 -8.87 -18.85
CA SER A 30 -0.48 -8.55 -19.44
C SER A 30 -0.82 -9.53 -20.57
N GLU A 31 -1.22 -10.74 -20.17
CA GLU A 31 -1.56 -11.84 -21.06
C GLU A 31 -2.58 -11.45 -22.13
N PHE A 32 -3.55 -10.63 -21.76
CA PHE A 32 -4.62 -10.23 -22.66
C PHE A 32 -4.39 -8.87 -23.33
N THR A 33 -3.16 -8.35 -23.22
CA THR A 33 -2.80 -6.95 -23.49
C THR A 33 -3.52 -6.04 -22.49
N TRP A 34 -3.27 -4.75 -22.59
CA TRP A 34 -3.90 -3.78 -21.69
C TRP A 34 -5.36 -3.51 -22.03
N ILE A 35 -5.77 -3.91 -23.24
CA ILE A 35 -7.09 -3.55 -23.74
C ILE A 35 -8.06 -4.72 -23.91
N SER A 36 -7.82 -5.78 -23.15
CA SER A 36 -8.78 -6.88 -23.03
C SER A 36 -8.77 -7.36 -21.58
N ASP A 37 -9.89 -7.94 -21.15
CA ASP A 37 -9.98 -8.63 -19.87
C ASP A 37 -10.11 -10.14 -20.09
N GLY A 38 -9.70 -10.62 -21.27
CA GLY A 38 -9.81 -12.03 -21.62
C GLY A 38 -11.11 -12.41 -22.31
N SER A 39 -12.21 -11.78 -21.91
CA SER A 39 -13.52 -12.07 -22.48
C SER A 39 -13.98 -11.03 -23.50
N THR A 40 -13.65 -9.77 -23.25
CA THR A 40 -14.03 -8.65 -24.11
C THR A 40 -12.78 -7.90 -24.57
N ASN A 41 -12.74 -7.51 -25.85
CA ASN A 41 -11.72 -6.59 -26.35
C ASN A 41 -12.29 -5.19 -26.37
N TYR A 42 -11.47 -4.21 -25.97
CA TYR A 42 -11.90 -2.82 -25.90
C TYR A 42 -11.13 -1.97 -26.89
N THR A 43 -11.73 -0.85 -27.31
CA THR A 43 -11.08 0.09 -28.20
C THR A 43 -10.81 1.40 -27.45
N THR A 44 -10.57 1.26 -26.14
CA THR A 44 -10.51 2.40 -25.25
C THR A 44 -9.51 2.14 -24.11
N SER A 45 -9.40 3.10 -23.18
CA SER A 45 -8.57 2.99 -21.98
C SER A 45 -9.27 2.08 -20.95
N ARG A 46 -9.45 0.82 -21.33
CA ARG A 46 -10.10 -0.16 -20.46
C ARG A 46 -9.56 -1.54 -20.78
N GLY A 47 -9.28 -2.32 -19.74
CA GLY A 47 -8.78 -3.66 -19.94
C GLY A 47 -8.55 -4.34 -18.60
N ASN A 48 -7.67 -5.34 -18.63
CA ASN A 48 -7.50 -6.17 -17.44
C ASN A 48 -6.91 -5.47 -16.21
N ASN A 49 -6.06 -4.45 -16.42
CA ASN A 49 -5.30 -3.83 -15.31
C ASN A 49 -5.93 -2.54 -14.80
N GLY A 50 -6.71 -1.89 -15.65
CA GLY A 50 -7.30 -0.61 -15.26
C GLY A 50 -8.40 -0.16 -16.19
N ILE A 51 -9.22 0.74 -15.67
CA ILE A 51 -10.27 1.39 -16.44
C ILE A 51 -10.10 2.89 -16.15
N ALA A 52 -9.75 3.66 -17.18
CA ALA A 52 -9.44 5.09 -17.05
C ALA A 52 -10.53 5.94 -17.72
N GLN A 53 -10.85 7.07 -17.11
CA GLN A 53 -11.94 7.93 -17.59
C GLN A 53 -11.81 9.29 -16.94
N SER A 54 -12.49 10.28 -17.50
CA SER A 54 -12.63 11.55 -16.82
C SER A 54 -13.66 11.40 -15.69
N ASN A 55 -13.64 12.32 -14.74
CA ASN A 55 -14.64 12.34 -13.69
C ASN A 55 -14.86 13.78 -13.22
N PRO A 56 -15.37 14.65 -14.12
CA PRO A 56 -15.52 16.06 -13.81
C PRO A 56 -16.43 16.38 -12.62
N SER A 57 -17.44 15.54 -12.36
CA SER A 57 -18.35 15.76 -11.22
C SER A 57 -17.73 15.44 -9.86
N GLY A 58 -16.63 14.68 -9.86
CA GLY A 58 -16.00 14.21 -8.62
C GLY A 58 -16.80 13.15 -7.89
N GLY A 59 -17.86 12.64 -8.53
CA GLY A 59 -18.70 11.61 -7.93
C GLY A 59 -18.08 10.21 -7.98
N PRO A 60 -18.79 9.21 -7.43
CA PRO A 60 -18.28 7.84 -7.34
C PRO A 60 -18.46 6.98 -8.60
N SER A 61 -19.27 7.43 -9.56
CA SER A 61 -19.48 6.68 -10.81
C SER A 61 -18.24 6.67 -11.68
N TYR A 62 -18.08 5.58 -12.45
CA TYR A 62 -16.94 5.48 -13.36
C TYR A 62 -17.21 4.64 -14.61
N LEU A 63 -18.03 3.59 -14.52
CA LEU A 63 -18.15 2.60 -15.61
C LEU A 63 -18.53 3.26 -16.93
N ASN A 64 -19.51 4.15 -16.86
CA ASN A 64 -20.05 4.82 -18.03
C ASN A 64 -19.59 6.27 -18.20
N ASN A 65 -18.52 6.64 -17.48
CA ASN A 65 -17.91 7.95 -17.64
C ASN A 65 -17.17 8.04 -18.97
N TYR A 66 -16.77 9.25 -19.34
CA TYR A 66 -16.13 9.47 -20.64
C TYR A 66 -14.71 8.89 -20.75
N ARG A 67 -14.46 8.19 -21.84
CA ARG A 67 -13.09 7.82 -22.24
C ARG A 67 -12.98 7.76 -23.78
N PRO A 68 -11.79 8.10 -24.33
CA PRO A 68 -11.68 8.13 -25.79
C PRO A 68 -11.70 6.74 -26.42
N SER A 69 -12.30 6.63 -27.59
CA SER A 69 -12.33 5.36 -28.30
C SER A 69 -11.69 5.48 -29.67
N SER A 70 -10.96 4.45 -30.07
CA SER A 70 -10.32 4.43 -31.40
C SER A 70 -10.34 3.03 -32.00
N SER A 71 -11.10 2.86 -33.07
CA SER A 71 -11.21 1.56 -33.74
C SER A 71 -9.88 1.03 -34.23
N SER A 72 -9.01 1.92 -34.70
CA SER A 72 -7.70 1.51 -35.19
C SER A 72 -6.68 1.39 -34.06
N LEU A 73 -7.15 1.60 -32.84
CA LEU A 73 -6.32 1.48 -31.63
C LEU A 73 -5.14 2.44 -31.69
N SER A 74 -5.43 3.63 -32.22
CA SER A 74 -4.46 4.70 -32.34
C SER A 74 -4.85 5.74 -31.31
N PHE A 75 -4.14 5.70 -30.17
CA PHE A 75 -4.43 6.60 -29.05
C PHE A 75 -3.45 7.77 -29.02
N LYS A 76 -3.59 8.62 -30.04
CA LYS A 76 -2.68 9.74 -30.23
C LYS A 76 -3.55 10.98 -30.18
N TYR A 77 -3.40 11.74 -29.09
CA TYR A 77 -4.28 12.89 -28.83
C TYR A 77 -3.45 14.12 -28.50
N PRO A 78 -3.96 15.32 -28.82
CA PRO A 78 -3.11 16.49 -28.67
C PRO A 78 -2.88 16.89 -27.20
N TYR A 79 -1.66 17.32 -26.91
CA TYR A 79 -1.32 17.87 -25.62
C TYR A 79 -0.23 18.91 -25.71
N SER A 80 -0.46 20.02 -25.02
CA SER A 80 0.64 20.92 -24.71
C SER A 80 0.38 21.51 -23.33
N VAL A 81 1.48 21.73 -22.60
CA VAL A 81 1.43 22.29 -21.25
C VAL A 81 0.78 23.69 -21.22
N SER A 82 0.76 24.37 -22.37
CA SER A 82 0.20 25.72 -22.44
C SER A 82 -1.29 25.75 -22.76
N SER A 83 -1.91 24.58 -22.96
CA SER A 83 -3.35 24.51 -23.20
C SER A 83 -4.18 24.78 -21.95
N SER A 84 -5.34 25.42 -22.15
CA SER A 84 -6.35 25.67 -21.12
C SER A 84 -7.73 25.64 -21.74
N PRO A 85 -8.75 25.22 -20.98
CA PRO A 85 -8.70 24.62 -19.65
C PRO A 85 -8.18 23.17 -19.74
N PRO A 86 -7.74 22.57 -18.61
CA PRO A 86 -7.35 21.14 -18.64
C PRO A 86 -8.26 20.22 -19.45
N SER A 87 -9.56 20.47 -19.42
CA SER A 87 -10.54 19.66 -20.14
C SER A 87 -10.28 19.60 -21.65
N SER A 88 -9.49 20.55 -22.15
CA SER A 88 -9.21 20.64 -23.60
C SER A 88 -8.26 19.52 -24.08
N TYR A 89 -7.61 18.85 -23.13
CA TYR A 89 -6.76 17.70 -23.45
C TYR A 89 -7.10 16.49 -22.57
N ILE A 90 -8.37 16.36 -22.22
CA ILE A 90 -8.86 15.23 -21.41
C ILE A 90 -8.54 13.87 -22.05
N ASP A 91 -8.62 13.78 -23.38
CA ASP A 91 -8.22 12.55 -24.08
C ASP A 91 -6.79 12.17 -23.79
N ALA A 92 -5.87 13.11 -24.00
CA ALA A 92 -4.44 12.88 -23.80
C ALA A 92 -4.16 12.52 -22.33
N SER A 93 -4.91 13.16 -21.43
CA SER A 93 -4.77 12.97 -19.98
C SER A 93 -5.15 11.53 -19.57
N ILE A 94 -6.33 11.10 -20.01
CA ILE A 94 -6.83 9.73 -19.77
C ILE A 94 -5.83 8.69 -20.31
N ILE A 95 -5.37 8.87 -21.55
CA ILE A 95 -4.36 7.95 -22.11
C ILE A 95 -3.01 7.94 -21.36
N GLN A 96 -2.49 9.11 -20.97
CA GLN A 96 -1.22 9.14 -20.24
C GLN A 96 -1.39 8.39 -18.90
N LEU A 97 -2.51 8.65 -18.22
CA LEU A 97 -2.82 7.99 -16.93
C LEU A 97 -2.88 6.47 -17.11
N PHE A 98 -3.63 6.04 -18.12
CA PHE A 98 -3.78 4.62 -18.47
C PHE A 98 -2.43 3.97 -18.79
N TYR A 99 -1.59 4.66 -19.57
CA TYR A 99 -0.28 4.14 -19.98
C TYR A 99 0.59 3.95 -18.73
N THR A 100 0.72 5.02 -17.95
CA THR A 100 1.63 4.96 -16.81
C THR A 100 1.19 3.88 -15.82
N ALA A 101 -0.11 3.80 -15.55
CA ALA A 101 -0.60 2.82 -14.58
C ALA A 101 -0.39 1.38 -15.11
N ASN A 102 -0.57 1.19 -16.41
CA ASN A 102 -0.42 -0.16 -16.99
C ASN A 102 1.03 -0.62 -17.07
N ILE A 103 1.94 0.29 -17.41
CA ILE A 103 3.38 -0.02 -17.40
C ILE A 103 3.75 -0.44 -15.98
N TYR A 104 3.29 0.34 -14.99
CA TYR A 104 3.59 0.04 -13.58
C TYR A 104 3.03 -1.32 -13.14
N HIS A 105 1.77 -1.62 -13.49
CA HIS A 105 1.25 -2.98 -13.26
C HIS A 105 2.25 -4.03 -13.77
N ASP A 106 2.70 -3.84 -15.00
CA ASP A 106 3.58 -4.80 -15.66
C ASP A 106 4.93 -4.90 -14.97
N LEU A 107 5.52 -3.76 -14.60
CA LEU A 107 6.80 -3.76 -13.89
C LEU A 107 6.66 -4.46 -12.54
N LEU A 108 5.60 -4.10 -11.82
CA LEU A 108 5.40 -4.69 -10.48
C LEU A 108 5.18 -6.20 -10.57
N TYR A 109 4.45 -6.62 -11.61
CA TYR A 109 4.27 -8.05 -11.90
C TYR A 109 5.63 -8.77 -12.03
N THR A 110 6.52 -8.20 -12.85
CA THR A 110 7.86 -8.73 -13.06
C THR A 110 8.67 -8.85 -11.78
N LEU A 111 8.45 -7.90 -10.86
CA LEU A 111 9.11 -7.89 -9.56
C LEU A 111 8.36 -8.71 -8.49
N GLY A 112 7.28 -9.40 -8.86
CA GLY A 112 6.61 -10.36 -7.96
C GLY A 112 5.20 -10.01 -7.49
N PHE A 113 4.71 -8.85 -7.89
CA PHE A 113 3.35 -8.45 -7.52
C PHE A 113 2.37 -9.06 -8.51
N THR A 114 2.12 -10.36 -8.33
CA THR A 114 1.29 -11.16 -9.23
C THR A 114 -0.11 -11.32 -8.67
N GLU A 115 -0.94 -12.14 -9.33
CA GLU A 115 -2.32 -12.35 -8.88
C GLU A 115 -2.36 -12.90 -7.45
N LYS A 116 -1.54 -13.92 -7.19
CA LYS A 116 -1.61 -14.56 -5.86
C LYS A 116 -1.10 -13.62 -4.77
N ALA A 117 -0.28 -12.65 -5.16
CA ALA A 117 0.25 -11.64 -4.20
C ALA A 117 -0.69 -10.45 -3.99
N GLY A 118 -1.92 -10.53 -4.50
CA GLY A 118 -2.94 -9.53 -4.25
C GLY A 118 -2.91 -8.33 -5.21
N ASN A 119 -2.50 -8.57 -6.45
CA ASN A 119 -2.45 -7.46 -7.43
C ASN A 119 -3.83 -6.98 -7.92
N PHE A 120 -3.81 -6.00 -8.82
CA PHE A 120 -5.02 -5.34 -9.29
C PHE A 120 -5.24 -5.74 -10.75
N GLU A 121 -6.14 -6.69 -10.96
CA GLU A 121 -6.47 -7.25 -12.29
C GLU A 121 -7.88 -7.78 -12.22
N TYR A 122 -8.65 -7.50 -13.27
CA TYR A 122 -10.04 -7.94 -13.35
C TYR A 122 -10.17 -9.47 -13.47
N ASN A 123 -9.36 -10.04 -14.36
CA ASN A 123 -9.35 -11.47 -14.66
C ASN A 123 -8.00 -12.04 -14.26
N THR A 124 -8.00 -12.87 -13.22
CA THR A 124 -6.75 -13.43 -12.71
C THR A 124 -6.21 -14.57 -13.58
N ASN A 125 -6.99 -14.96 -14.59
CA ASN A 125 -6.59 -16.00 -15.52
C ASN A 125 -6.19 -17.30 -14.79
N GLY A 126 -6.92 -17.61 -13.72
CA GLY A 126 -6.69 -18.82 -12.94
C GLY A 126 -5.37 -18.85 -12.17
N GLN A 127 -4.71 -17.70 -12.05
CA GLN A 127 -3.35 -17.64 -11.49
C GLN A 127 -3.34 -17.46 -9.97
N GLY A 128 -4.52 -17.46 -9.35
CA GLY A 128 -4.64 -17.26 -7.90
C GLY A 128 -5.12 -15.88 -7.52
N GLY A 129 -5.25 -15.64 -6.22
CA GLY A 129 -5.77 -14.37 -5.73
C GLY A 129 -7.25 -14.17 -6.05
N LEU A 130 -7.68 -12.92 -5.99
CA LEU A 130 -9.08 -12.56 -6.28
C LEU A 130 -9.10 -11.49 -7.35
N GLY A 131 -9.96 -11.68 -8.36
CA GLY A 131 -10.06 -10.71 -9.45
C GLY A 131 -11.09 -9.63 -9.21
N ASN A 132 -11.65 -9.12 -10.31
CA ASN A 132 -12.61 -8.03 -10.28
C ASN A 132 -12.02 -6.77 -9.68
N ASP A 133 -10.69 -6.66 -9.69
CA ASP A 133 -10.06 -5.53 -8.98
C ASP A 133 -8.97 -4.81 -9.75
N TYR A 134 -9.23 -4.56 -11.04
CA TYR A 134 -8.44 -3.56 -11.74
C TYR A 134 -8.46 -2.21 -11.00
N VAL A 135 -7.59 -1.30 -11.37
CA VAL A 135 -7.54 0.03 -10.75
C VAL A 135 -8.51 0.96 -11.52
N ILE A 136 -9.39 1.63 -10.80
CA ILE A 136 -10.23 2.69 -11.39
C ILE A 136 -9.32 3.93 -11.49
N LEU A 137 -9.17 4.49 -12.69
CA LEU A 137 -8.19 5.55 -12.89
C LEU A 137 -8.88 6.83 -13.33
N ASN A 138 -9.20 7.71 -12.38
CA ASN A 138 -9.95 8.94 -12.70
C ASN A 138 -9.02 10.07 -13.05
N ALA A 139 -9.11 10.55 -14.29
CA ALA A 139 -8.32 11.69 -14.74
C ALA A 139 -9.10 12.99 -14.51
N GLN A 140 -8.38 14.03 -14.11
CA GLN A 140 -9.00 15.35 -13.84
C GLN A 140 -10.25 15.23 -12.96
N ASP A 141 -10.13 14.42 -11.91
CA ASP A 141 -11.24 14.20 -11.00
C ASP A 141 -11.68 15.51 -10.33
N GLY A 142 -12.98 15.77 -10.35
CA GLY A 142 -13.50 17.06 -9.85
C GLY A 142 -13.68 17.17 -8.35
N SER A 143 -13.27 16.14 -7.61
CA SER A 143 -13.45 16.14 -6.14
C SER A 143 -12.37 16.94 -5.39
N GLY A 144 -11.36 17.41 -6.11
CA GLY A 144 -10.28 18.17 -5.46
C GLY A 144 -9.33 18.83 -6.43
N THR A 145 -8.32 19.50 -5.89
CA THR A 145 -7.20 20.05 -6.67
C THR A 145 -5.93 19.87 -5.86
N ASN A 146 -4.79 20.01 -6.52
CA ASN A 146 -3.49 20.08 -5.84
C ASN A 146 -3.17 18.86 -4.99
N ASN A 147 -3.53 17.69 -5.48
CA ASN A 147 -3.34 16.49 -4.72
C ASN A 147 -3.67 15.30 -5.60
N ALA A 148 -3.73 14.13 -4.99
CA ALA A 148 -4.19 12.89 -5.62
C ALA A 148 -4.37 11.90 -4.49
N ASN A 149 -5.13 10.84 -4.76
CA ASN A 149 -5.38 9.85 -3.72
C ASN A 149 -5.66 8.48 -4.28
N PHE A 150 -5.59 7.47 -3.41
CA PHE A 150 -5.69 6.08 -3.84
C PHE A 150 -6.33 5.29 -2.72
N ALA A 151 -7.38 4.55 -3.08
CA ALA A 151 -8.08 3.68 -2.14
C ALA A 151 -7.69 2.23 -2.35
N THR A 152 -7.32 1.56 -1.25
CA THR A 152 -6.90 0.16 -1.32
C THR A 152 -7.73 -0.72 -0.38
N PRO A 153 -8.94 -1.12 -0.86
CA PRO A 153 -9.67 -2.14 -0.11
C PRO A 153 -8.94 -3.50 -0.26
N PRO A 154 -9.37 -4.54 0.47
CA PRO A 154 -8.69 -5.82 0.36
C PRO A 154 -8.82 -6.44 -1.03
N ASP A 155 -8.00 -7.46 -1.29
CA ASP A 155 -7.99 -8.18 -2.55
C ASP A 155 -9.39 -8.55 -2.98
N GLY A 156 -9.69 -8.36 -4.26
CA GLY A 156 -11.03 -8.68 -4.79
C GLY A 156 -11.93 -7.48 -4.98
N GLN A 157 -11.49 -6.31 -4.54
CA GLN A 157 -12.22 -5.05 -4.71
C GLN A 157 -11.33 -4.04 -5.39
N PRO A 158 -11.86 -3.31 -6.39
CA PRO A 158 -10.98 -2.41 -7.15
C PRO A 158 -10.23 -1.37 -6.33
N GLY A 159 -8.99 -1.10 -6.72
CA GLY A 159 -8.27 0.10 -6.27
C GLY A 159 -8.89 1.30 -6.96
N ARG A 160 -8.77 2.49 -6.34
CA ARG A 160 -9.46 3.67 -6.86
C ARG A 160 -8.51 4.85 -6.76
N MET A 161 -7.99 5.28 -7.91
CA MET A 161 -7.06 6.40 -8.01
C MET A 161 -7.78 7.64 -8.52
N ARG A 162 -7.62 8.74 -7.80
CA ARG A 162 -8.23 9.99 -8.23
C ARG A 162 -7.10 10.97 -8.45
N MET A 163 -6.94 11.40 -9.70
CA MET A 163 -5.91 12.35 -10.09
C MET A 163 -6.54 13.73 -10.26
N TYR A 164 -5.86 14.74 -9.75
CA TYR A 164 -6.34 16.12 -9.78
C TYR A 164 -5.49 17.03 -10.64
N VAL A 165 -6.14 18.10 -11.11
CA VAL A 165 -5.48 19.26 -11.68
C VAL A 165 -4.87 20.08 -10.53
N TRP A 166 -3.71 20.66 -10.79
CA TRP A 166 -3.05 21.56 -9.85
C TRP A 166 -3.24 23.01 -10.34
N THR A 167 -3.44 23.91 -9.39
CA THR A 167 -3.80 25.29 -9.70
C THR A 167 -2.76 26.28 -9.17
N GLU A 168 -1.52 25.85 -9.05
CA GLU A 168 -0.46 26.67 -8.48
C GLU A 168 0.41 27.28 -9.59
N SER A 169 -0.17 27.32 -10.79
CA SER A 169 0.51 27.79 -11.99
C SER A 169 -0.51 28.27 -13.01
N THR A 170 -0.03 29.06 -13.98
CA THR A 170 -0.86 29.47 -15.11
C THR A 170 -0.16 29.03 -16.40
N PRO A 171 -0.80 28.17 -17.19
CA PRO A 171 -2.08 27.53 -16.87
C PRO A 171 -1.95 26.43 -15.81
N TYR A 172 -3.09 25.87 -15.44
CA TYR A 172 -3.13 24.71 -14.52
C TYR A 172 -2.31 23.55 -15.06
N ARG A 173 -1.80 22.72 -14.15
CA ARG A 173 -1.03 21.53 -14.52
C ARG A 173 -1.77 20.26 -14.15
N ASP A 174 -1.87 19.35 -15.12
CA ASP A 174 -2.63 18.12 -14.96
C ASP A 174 -1.73 17.01 -14.37
N GLY A 175 -2.06 16.57 -13.16
CA GLY A 175 -1.29 15.50 -12.50
C GLY A 175 -1.11 14.21 -13.29
N SER A 176 -2.04 13.93 -14.20
CA SER A 176 -1.94 12.72 -15.06
C SER A 176 -0.60 12.66 -15.78
N PHE A 177 0.03 13.82 -15.98
CA PHE A 177 1.27 13.90 -16.74
C PHE A 177 2.52 13.89 -15.87
N GLU A 178 2.31 13.94 -14.55
CA GLU A 178 3.42 13.68 -13.65
C GLU A 178 3.40 12.18 -13.28
N ALA A 179 4.26 11.41 -13.96
CA ALA A 179 4.38 9.95 -13.73
C ALA A 179 4.60 9.67 -12.24
N GLY A 180 5.45 10.49 -11.63
CA GLY A 180 5.78 10.39 -10.21
C GLY A 180 4.57 10.35 -9.28
N ILE A 181 3.55 11.17 -9.58
CA ILE A 181 2.34 11.20 -8.77
C ILE A 181 1.51 9.94 -8.99
N VAL A 182 1.38 9.54 -10.26
CA VAL A 182 0.62 8.34 -10.59
C VAL A 182 1.27 7.13 -9.89
N ILE A 183 2.60 7.05 -9.98
CA ILE A 183 3.37 5.99 -9.32
C ILE A 183 3.21 6.07 -7.78
N HIS A 184 3.34 7.26 -7.22
CA HIS A 184 3.08 7.44 -5.79
C HIS A 184 1.73 6.86 -5.38
N GLU A 185 0.67 7.20 -6.11
CA GLU A 185 -0.67 6.73 -5.77
C GLU A 185 -0.77 5.20 -5.89
N TYR A 186 -0.35 4.66 -7.02
CA TYR A 186 -0.46 3.22 -7.30
C TYR A 186 0.35 2.42 -6.24
N THR A 187 1.46 3.00 -5.80
CA THR A 187 2.30 2.32 -4.79
C THR A 187 1.55 2.14 -3.45
N HIS A 188 0.62 3.04 -3.13
CA HIS A 188 -0.24 2.83 -1.95
C HIS A 188 -1.03 1.50 -2.06
N GLY A 189 -1.46 1.18 -3.28
CA GLY A 189 -2.10 -0.11 -3.54
C GLY A 189 -1.15 -1.27 -3.33
N LEU A 190 0.06 -1.15 -3.88
CA LEU A 190 1.07 -2.17 -3.73
C LEU A 190 1.38 -2.46 -2.26
N SER A 191 1.69 -1.40 -1.52
CA SER A 191 2.19 -1.57 -0.15
C SER A 191 1.06 -2.05 0.75
N ASN A 192 -0.15 -1.52 0.58
CA ASN A 192 -1.28 -1.96 1.39
C ASN A 192 -1.70 -3.40 1.11
N ARG A 193 -1.65 -3.80 -0.17
CA ARG A 193 -1.96 -5.20 -0.52
C ARG A 193 -0.91 -6.15 0.03
N LEU A 194 0.38 -5.90 -0.24
CA LEU A 194 1.42 -6.82 0.22
C LEU A 194 1.52 -6.89 1.74
N THR A 195 1.44 -5.74 2.41
CA THR A 195 1.59 -5.72 3.88
C THR A 195 0.41 -6.42 4.57
N GLY A 196 0.72 -7.40 5.43
CA GLY A 196 -0.32 -8.18 6.15
C GLY A 196 -1.09 -9.16 5.28
N GLY A 197 -0.65 -9.31 4.03
CA GLY A 197 -1.29 -10.23 3.09
C GLY A 197 -2.44 -9.57 2.35
N PRO A 198 -2.76 -10.08 1.14
CA PRO A 198 -3.81 -9.49 0.31
C PRO A 198 -5.17 -9.26 1.00
N ALA A 199 -5.52 -10.13 1.95
CA ALA A 199 -6.84 -10.04 2.59
C ALA A 199 -6.96 -8.90 3.60
N ASN A 200 -5.84 -8.30 3.99
CA ASN A 200 -5.86 -7.32 5.09
C ASN A 200 -5.34 -5.96 4.65
N SER A 201 -6.25 -5.00 4.55
CA SER A 201 -5.91 -3.62 4.15
C SER A 201 -5.83 -2.66 5.33
N ASN A 202 -5.79 -3.20 6.54
CA ASN A 202 -5.69 -2.38 7.76
C ASN A 202 -4.24 -2.12 8.17
N CYS A 203 -3.29 -2.55 7.35
CA CYS A 203 -1.92 -2.81 7.83
C CYS A 203 -0.87 -1.72 7.61
N LEU A 204 -1.28 -0.60 7.01
CA LEU A 204 -0.41 0.58 6.93
C LEU A 204 -1.21 1.81 7.36
N ASN A 205 -1.83 1.69 8.53
CA ASN A 205 -2.76 2.70 9.01
C ASN A 205 -2.33 3.34 10.33
N ALA A 206 -1.47 2.66 11.09
CA ALA A 206 -0.84 3.26 12.26
C ALA A 206 0.02 4.43 11.79
N LEU A 207 0.35 5.34 12.71
CA LEU A 207 1.05 6.56 12.31
C LEU A 207 2.40 6.27 11.66
N GLU A 208 3.25 5.48 12.31
CA GLU A 208 4.59 5.22 11.77
C GLU A 208 4.47 4.31 10.53
N SER A 209 3.52 3.38 10.58
CA SER A 209 3.24 2.50 9.43
C SER A 209 2.76 3.25 8.19
N GLY A 210 1.75 4.11 8.37
CA GLY A 210 1.25 4.96 7.28
C GLY A 210 2.33 5.91 6.80
N GLY A 211 3.19 6.36 7.72
CA GLY A 211 4.37 7.15 7.34
C GLY A 211 5.25 6.38 6.34
N MET A 212 5.60 5.14 6.67
CA MET A 212 6.34 4.33 5.73
C MET A 212 5.57 4.16 4.43
N GLY A 213 4.24 4.02 4.55
CA GLY A 213 3.36 3.99 3.36
C GLY A 213 3.67 5.15 2.41
N GLU A 214 3.78 6.35 2.97
CA GLU A 214 4.11 7.53 2.16
C GLU A 214 5.52 7.42 1.59
N GLY A 215 6.47 6.98 2.44
CA GLY A 215 7.87 6.79 2.03
C GLY A 215 8.04 5.80 0.87
N TRP A 216 7.40 4.63 0.97
CA TRP A 216 7.47 3.65 -0.13
C TRP A 216 6.95 4.25 -1.44
N SER A 217 5.86 5.02 -1.35
CA SER A 217 5.28 5.67 -2.53
C SER A 217 6.21 6.69 -3.19
N ASP A 218 6.83 7.58 -2.40
CA ASP A 218 7.85 8.51 -2.92
C ASP A 218 9.08 7.77 -3.45
N PHE A 219 9.48 6.71 -2.73
CA PHE A 219 10.67 5.98 -3.11
C PHE A 219 10.52 5.31 -4.48
N MET A 220 9.41 4.62 -4.71
CA MET A 220 9.21 3.92 -5.99
C MET A 220 9.16 4.91 -7.14
N ALA A 221 8.47 6.04 -6.95
CA ALA A 221 8.47 7.12 -7.96
C ALA A 221 9.90 7.59 -8.30
N THR A 222 10.73 7.67 -7.26
CA THR A 222 12.08 8.17 -7.37
C THR A 222 13.00 7.15 -8.05
N ALA A 223 12.90 5.88 -7.64
CA ALA A 223 13.72 4.82 -8.21
C ALA A 223 13.46 4.65 -9.71
N ILE A 224 12.19 4.73 -10.08
CA ILE A 224 11.76 4.54 -11.45
C ILE A 224 12.25 5.67 -12.35
N ARG A 225 12.28 6.89 -11.82
CA ARG A 225 12.65 8.03 -12.67
C ARG A 225 14.17 8.19 -12.86
N LEU A 226 14.95 7.36 -12.18
CA LEU A 226 16.40 7.31 -12.38
C LEU A 226 16.72 7.18 -13.88
N LYS A 227 17.75 7.87 -14.33
CA LYS A 227 18.06 7.85 -15.74
C LYS A 227 19.56 7.72 -16.05
N PRO A 228 19.89 7.51 -17.34
CA PRO A 228 21.30 7.45 -17.70
C PRO A 228 21.93 8.78 -17.33
N GLY A 229 23.06 8.72 -16.66
CA GLY A 229 23.74 9.92 -16.23
C GLY A 229 23.53 10.25 -14.77
N ASP A 230 22.57 9.61 -14.11
CA ASP A 230 22.37 9.86 -12.67
C ASP A 230 23.54 9.30 -11.85
N LYS A 231 23.82 9.98 -10.74
CA LYS A 231 24.92 9.63 -9.86
C LYS A 231 24.42 9.67 -8.41
N ARG A 232 25.20 9.12 -7.48
CA ARG A 232 24.92 9.20 -6.04
C ARG A 232 24.61 10.65 -5.57
N SER A 233 25.31 11.61 -6.19
CA SER A 233 25.14 13.02 -5.84
C SER A 233 23.89 13.69 -6.42
N THR A 234 23.15 12.98 -7.27
CA THR A 234 21.91 13.52 -7.85
C THR A 234 20.80 13.56 -6.79
N ASP A 235 20.10 14.70 -6.71
CA ASP A 235 18.97 14.85 -5.80
C ASP A 235 17.66 14.74 -6.57
N TYR A 236 16.60 14.35 -5.86
CA TYR A 236 15.27 14.31 -6.44
C TYR A 236 14.24 14.92 -5.52
N THR A 237 13.33 15.66 -6.12
CA THR A 237 12.21 16.24 -5.40
C THR A 237 10.95 15.45 -5.77
N MET A 238 9.85 15.77 -5.11
CA MET A 238 8.57 15.15 -5.36
C MET A 238 7.58 16.20 -5.83
N GLY A 239 6.88 15.90 -6.92
CA GLY A 239 5.78 16.72 -7.42
C GLY A 239 6.14 18.18 -7.73
N GLU A 240 7.38 18.39 -8.13
CA GLU A 240 7.89 19.75 -8.38
C GLU A 240 7.20 20.40 -9.58
N TRP A 241 7.04 19.66 -10.68
CA TRP A 241 6.31 20.19 -11.82
C TRP A 241 4.85 20.52 -11.50
N ALA A 242 4.08 19.53 -11.05
CA ALA A 242 2.66 19.74 -10.74
C ALA A 242 2.43 20.88 -9.74
N SER A 243 3.25 20.94 -8.70
CA SER A 243 3.02 21.92 -7.62
C SER A 243 3.57 23.30 -7.96
N ASN A 244 4.39 23.38 -9.01
CA ASN A 244 5.10 24.61 -9.37
C ASN A 244 5.87 25.17 -8.17
N ARG A 245 6.48 24.28 -7.40
CA ARG A 245 7.10 24.67 -6.15
C ARG A 245 8.55 24.22 -6.16
N ALA A 246 9.45 25.18 -5.93
CA ALA A 246 10.88 24.90 -5.83
C ALA A 246 11.14 23.97 -4.65
N GLY A 247 11.86 22.89 -4.91
CA GLY A 247 12.15 21.87 -3.87
C GLY A 247 11.06 20.81 -3.79
N GLY A 248 10.02 20.95 -4.61
CA GLY A 248 8.87 20.04 -4.59
C GLY A 248 8.05 20.16 -3.31
N ILE A 249 7.32 19.10 -2.98
CA ILE A 249 6.30 19.16 -1.92
C ILE A 249 6.77 18.63 -0.55
N ARG A 250 7.94 17.99 -0.48
CA ARG A 250 8.46 17.46 0.78
C ARG A 250 9.45 18.44 1.43
N GLN A 251 9.77 18.19 2.71
CA GLN A 251 10.59 19.11 3.48
C GLN A 251 11.99 19.31 2.90
N TYR A 252 12.57 18.24 2.37
CA TYR A 252 13.90 18.29 1.77
C TYR A 252 13.92 17.41 0.52
N PRO A 253 14.84 17.69 -0.43
CA PRO A 253 15.02 16.78 -1.57
C PRO A 253 15.54 15.43 -1.09
N TYR A 254 15.21 14.36 -1.81
CA TYR A 254 15.90 13.08 -1.57
C TYR A 254 17.33 13.21 -2.07
N SER A 255 18.27 12.92 -1.19
CA SER A 255 19.67 13.24 -1.40
C SER A 255 20.53 12.35 -0.53
N THR A 256 21.70 11.96 -1.03
CA THR A 256 22.69 11.28 -0.19
C THR A 256 23.58 12.28 0.59
N SER A 257 23.29 13.56 0.45
CA SER A 257 23.95 14.58 1.26
C SER A 257 23.15 14.84 2.52
N LEU A 258 23.76 14.62 3.68
CA LEU A 258 23.08 14.88 4.96
C LEU A 258 22.92 16.37 5.23
N SER A 259 23.69 17.18 4.51
CA SER A 259 23.55 18.64 4.60
C SER A 259 22.34 19.13 3.79
N THR A 260 22.11 18.53 2.62
CA THR A 260 20.93 18.83 1.81
C THR A 260 19.66 18.31 2.49
N ASN A 261 19.79 17.14 3.09
CA ASN A 261 18.65 16.46 3.73
C ASN A 261 19.11 15.81 5.03
N PRO A 262 18.86 16.46 6.17
CA PRO A 262 19.35 16.08 7.48
C PRO A 262 18.48 15.03 8.23
N LEU A 263 17.46 14.51 7.56
CA LEU A 263 16.48 13.62 8.24
C LEU A 263 17.09 12.32 8.74
N THR A 264 16.79 11.97 10.00
CA THR A 264 17.22 10.72 10.62
C THR A 264 16.02 10.09 11.38
N TYR A 265 16.22 8.91 11.95
CA TYR A 265 15.11 8.23 12.63
C TYR A 265 14.49 9.11 13.71
N THR A 266 15.34 9.72 14.54
CA THR A 266 14.83 10.55 15.64
C THR A 266 14.07 11.79 15.17
N SER A 267 14.24 12.20 13.90
CA SER A 267 13.41 13.27 13.34
C SER A 267 11.92 12.93 13.51
N VAL A 268 11.58 11.64 13.46
CA VAL A 268 10.19 11.18 13.58
C VAL A 268 9.55 11.55 14.93
N ASN A 269 10.37 11.67 15.97
CA ASN A 269 9.88 12.07 17.29
C ASN A 269 9.16 13.41 17.28
N SER A 270 9.46 14.27 16.31
CA SER A 270 8.86 15.60 16.24
C SER A 270 7.80 15.72 15.15
N LEU A 271 7.38 14.60 14.57
CA LEU A 271 6.45 14.61 13.44
C LEU A 271 5.14 13.93 13.79
N ASN A 272 4.05 14.49 13.29
CA ASN A 272 2.71 14.05 13.65
C ASN A 272 1.88 13.62 12.43
N ALA A 273 2.49 13.65 11.25
CA ALA A 273 1.74 13.50 10.01
C ALA A 273 2.47 12.55 9.08
N VAL A 274 1.70 11.72 8.37
CA VAL A 274 2.31 10.63 7.60
C VAL A 274 3.22 11.07 6.46
N HIS A 275 2.90 12.18 5.78
CA HIS A 275 3.80 12.63 4.68
C HIS A 275 5.17 13.03 5.16
N ALA A 276 5.24 13.75 6.29
CA ALA A 276 6.51 14.15 6.88
C ALA A 276 7.33 12.93 7.34
N ILE A 277 6.67 11.98 7.98
CA ILE A 277 7.33 10.74 8.40
C ILE A 277 7.81 9.98 7.15
N GLY A 278 6.99 9.99 6.11
CA GLY A 278 7.31 9.30 4.84
C GLY A 278 8.61 9.80 4.24
N THR A 279 8.80 11.11 4.34
CA THR A 279 10.01 11.70 3.81
C THR A 279 11.24 11.09 4.49
N VAL A 280 11.17 10.85 5.80
CA VAL A 280 12.29 10.21 6.50
C VAL A 280 12.55 8.82 5.95
N TRP A 281 11.50 8.00 5.85
CA TRP A 281 11.64 6.64 5.34
C TRP A 281 12.21 6.62 3.90
N ALA A 282 11.65 7.43 3.01
CA ALA A 282 12.11 7.50 1.62
C ALA A 282 13.56 8.01 1.52
N SER A 283 13.96 8.87 2.46
CA SER A 283 15.38 9.26 2.54
C SER A 283 16.32 8.08 2.85
N MET A 284 15.91 7.24 3.81
CA MET A 284 16.65 6.02 4.15
C MET A 284 16.72 5.08 2.94
N LEU A 285 15.58 4.90 2.27
CA LEU A 285 15.54 4.03 1.09
C LEU A 285 16.41 4.58 -0.05
N TYR A 286 16.48 5.90 -0.19
CA TYR A 286 17.34 6.51 -1.21
C TYR A 286 18.83 6.17 -0.98
N GLU A 287 19.25 6.12 0.28
CA GLU A 287 20.60 5.70 0.65
C GLU A 287 20.84 4.23 0.31
N VAL A 288 19.83 3.39 0.56
CA VAL A 288 19.91 1.96 0.21
C VAL A 288 20.08 1.80 -1.29
N LEU A 289 19.23 2.47 -2.07
CA LEU A 289 19.26 2.48 -3.52
C LEU A 289 20.66 2.76 -4.09
N TRP A 290 21.27 3.85 -3.63
CA TRP A 290 22.59 4.23 -4.13
C TRP A 290 23.72 3.29 -3.71
N ASN A 291 23.68 2.75 -2.49
CA ASN A 291 24.62 1.72 -2.08
C ASN A 291 24.52 0.47 -2.96
N LEU A 292 23.29 0.11 -3.34
CA LEU A 292 23.08 -1.06 -4.19
C LEU A 292 23.51 -0.82 -5.62
N ILE A 293 23.21 0.37 -6.14
CA ILE A 293 23.68 0.79 -7.48
C ILE A 293 25.21 0.88 -7.55
N ASP A 294 25.86 1.40 -6.50
CA ASP A 294 27.34 1.48 -6.46
C ASP A 294 27.96 0.09 -6.55
N LYS A 295 27.34 -0.88 -5.88
CA LYS A 295 27.83 -2.25 -5.88
C LYS A 295 27.48 -3.05 -7.15
N HIS A 296 26.27 -2.87 -7.67
CA HIS A 296 25.75 -3.72 -8.73
C HIS A 296 25.46 -3.01 -10.05
N GLY A 297 25.66 -1.70 -10.11
CA GLY A 297 25.34 -0.92 -11.31
C GLY A 297 23.87 -0.57 -11.41
N LYS A 298 23.49 0.07 -12.50
CA LYS A 298 22.11 0.50 -12.72
C LYS A 298 21.66 0.14 -14.13
N ASN A 299 20.54 -0.58 -14.22
CA ASN A 299 19.96 -0.93 -15.51
C ASN A 299 18.95 0.12 -15.96
N ASP A 300 19.31 0.86 -17.01
CA ASP A 300 18.44 1.92 -17.53
C ASP A 300 17.28 1.41 -18.40
N ALA A 301 17.25 0.11 -18.70
CA ALA A 301 16.10 -0.49 -19.38
C ALA A 301 14.86 -0.39 -18.49
N PRO A 302 13.66 -0.34 -19.09
CA PRO A 302 12.39 -0.23 -18.33
C PRO A 302 11.93 -1.51 -17.62
N LYS A 303 12.61 -2.62 -17.86
CA LYS A 303 12.32 -3.87 -17.17
C LYS A 303 13.62 -4.52 -16.77
N PRO A 304 13.66 -5.18 -15.59
CA PRO A 304 14.90 -5.77 -15.13
C PRO A 304 15.30 -7.02 -15.92
N THR A 305 16.57 -7.35 -15.87
CA THR A 305 17.04 -8.69 -16.24
C THR A 305 17.18 -9.48 -14.95
N LEU A 306 16.58 -10.68 -14.93
CA LEU A 306 16.58 -11.54 -13.75
C LEU A 306 17.46 -12.75 -13.97
N ARG A 307 18.37 -13.00 -13.02
CA ARG A 307 19.23 -14.19 -13.03
C ARG A 307 18.89 -15.04 -11.83
N ASP A 308 18.30 -16.20 -12.09
CA ASP A 308 17.75 -17.07 -11.05
C ASP A 308 16.85 -16.26 -10.10
N GLY A 309 15.97 -15.45 -10.70
CA GLY A 309 15.00 -14.63 -9.96
C GLY A 309 15.51 -13.33 -9.34
N VAL A 310 16.81 -13.07 -9.48
CA VAL A 310 17.46 -11.93 -8.85
C VAL A 310 17.76 -10.86 -9.91
N PRO A 311 17.28 -9.62 -9.70
CA PRO A 311 17.66 -8.56 -10.65
C PRO A 311 19.18 -8.41 -10.70
N THR A 312 19.71 -8.20 -11.90
CA THR A 312 21.17 -8.12 -12.08
C THR A 312 21.75 -6.77 -11.67
N ASP A 313 20.92 -5.77 -11.46
CA ASP A 313 21.41 -4.40 -11.19
C ASP A 313 20.86 -3.87 -9.86
N GLY A 314 21.52 -2.84 -9.33
CA GLY A 314 21.20 -2.26 -8.03
C GLY A 314 19.85 -1.55 -7.95
N LYS A 315 19.45 -0.93 -9.05
CA LYS A 315 18.17 -0.21 -9.11
C LYS A 315 17.00 -1.17 -8.96
N TYR A 316 16.94 -2.19 -9.81
CA TYR A 316 15.82 -3.13 -9.74
C TYR A 316 15.96 -4.06 -8.55
N LEU A 317 17.19 -4.36 -8.14
CA LEU A 317 17.42 -5.08 -6.87
C LEU A 317 16.80 -4.32 -5.68
N ALA A 318 17.02 -3.00 -5.61
CA ALA A 318 16.48 -2.18 -4.53
C ALA A 318 14.96 -2.28 -4.52
N MET A 319 14.35 -2.12 -5.70
CA MET A 319 12.89 -2.23 -5.80
C MET A 319 12.40 -3.60 -5.36
N LYS A 320 13.09 -4.64 -5.81
CA LYS A 320 12.70 -6.02 -5.50
C LYS A 320 12.77 -6.27 -3.98
N LEU A 321 13.87 -5.87 -3.35
CA LEU A 321 14.03 -6.09 -1.92
C LEU A 321 12.98 -5.34 -1.11
N VAL A 322 12.65 -4.13 -1.55
CA VAL A 322 11.60 -3.33 -0.91
C VAL A 322 10.24 -4.05 -0.99
N MET A 323 9.88 -4.53 -2.18
CA MET A 323 8.65 -5.31 -2.33
C MET A 323 8.63 -6.58 -1.47
N ASP A 324 9.72 -7.34 -1.53
CA ASP A 324 9.81 -8.59 -0.78
C ASP A 324 9.70 -8.31 0.72
N GLY A 325 10.32 -7.21 1.17
CA GLY A 325 10.23 -6.82 2.59
C GLY A 325 8.78 -6.53 3.01
N MET A 326 8.00 -5.91 2.11
CA MET A 326 6.58 -5.66 2.40
C MET A 326 5.82 -6.96 2.69
N ALA A 327 6.15 -8.02 1.96
CA ALA A 327 5.48 -9.31 2.11
C ALA A 327 5.92 -10.10 3.36
N LEU A 328 7.08 -9.74 3.93
CA LEU A 328 7.62 -10.41 5.13
C LEU A 328 7.16 -9.75 6.44
N GLN A 329 7.05 -8.42 6.42
CA GLN A 329 6.87 -7.63 7.65
C GLN A 329 5.46 -7.84 8.29
N PRO A 330 5.31 -7.55 9.58
CA PRO A 330 4.01 -7.69 10.23
C PRO A 330 3.03 -6.60 9.80
N CYS A 331 1.76 -6.77 10.16
CA CYS A 331 0.75 -5.77 9.94
C CYS A 331 1.08 -4.58 10.86
N ASN A 332 0.94 -3.37 10.34
CA ASN A 332 1.29 -2.11 11.04
C ASN A 332 2.70 -2.12 11.64
N PRO A 333 3.72 -2.29 10.79
CA PRO A 333 5.11 -2.38 11.24
C PRO A 333 5.68 -1.00 11.58
N ASN A 334 6.75 -0.99 12.38
CA ASN A 334 7.52 0.25 12.62
C ASN A 334 8.77 0.24 11.73
N PHE A 335 9.52 1.35 11.70
CA PHE A 335 10.70 1.46 10.84
C PHE A 335 11.71 0.34 11.08
N VAL A 336 11.94 0.00 12.36
CA VAL A 336 12.96 -1.00 12.72
C VAL A 336 12.58 -2.36 12.15
N GLN A 337 11.30 -2.71 12.29
CA GLN A 337 10.77 -3.98 11.79
C GLN A 337 10.82 -4.01 10.25
N ALA A 338 10.42 -2.92 9.61
CA ALA A 338 10.44 -2.85 8.15
C ALA A 338 11.87 -2.94 7.62
N ARG A 339 12.82 -2.32 8.33
CA ARG A 339 14.24 -2.46 8.01
C ARG A 339 14.69 -3.92 8.07
N ASP A 340 14.43 -4.58 9.21
CA ASP A 340 14.74 -6.01 9.37
C ASP A 340 14.13 -6.84 8.25
N ALA A 341 12.90 -6.51 7.86
CA ALA A 341 12.22 -7.23 6.78
C ALA A 341 12.94 -7.06 5.44
N ILE A 342 13.50 -5.88 5.21
CA ILE A 342 14.28 -5.64 4.00
C ILE A 342 15.58 -6.46 4.02
N LEU A 343 16.25 -6.43 5.18
CA LEU A 343 17.46 -7.23 5.37
C LEU A 343 17.19 -8.74 5.19
N ASP A 344 16.06 -9.20 5.71
CA ASP A 344 15.65 -10.61 5.60
C ASP A 344 15.26 -10.95 4.17
N ALA A 345 14.67 -9.98 3.45
CA ALA A 345 14.42 -10.14 2.02
C ALA A 345 15.71 -10.42 1.25
N ASP A 346 16.78 -9.69 1.57
CA ASP A 346 18.06 -9.92 0.90
C ASP A 346 18.64 -11.30 1.28
N THR A 347 18.49 -11.69 2.54
CA THR A 347 18.90 -13.05 2.97
C THR A 347 18.17 -14.10 2.15
N ALA A 348 16.86 -13.95 1.99
CA ALA A 348 16.05 -14.90 1.23
C ALA A 348 16.30 -14.89 -0.28
N LEU A 349 16.67 -13.73 -0.81
CA LEU A 349 16.79 -13.59 -2.27
C LEU A 349 18.19 -13.91 -2.78
N THR A 350 19.21 -13.40 -2.08
CA THR A 350 20.59 -13.47 -2.55
C THR A 350 21.49 -14.30 -1.61
N GLY A 351 20.93 -14.83 -0.53
CA GLY A 351 21.74 -15.45 0.52
C GLY A 351 22.45 -14.42 1.38
N GLY A 352 22.00 -13.17 1.31
CA GLY A 352 22.53 -12.12 2.19
C GLY A 352 23.77 -11.43 1.66
N GLU A 353 23.89 -11.33 0.35
CA GLU A 353 25.09 -10.72 -0.21
C GLU A 353 25.12 -9.18 -0.12
N ASN A 354 24.00 -8.58 0.28
CA ASN A 354 23.92 -7.13 0.38
C ASN A 354 23.68 -6.58 1.78
N GLN A 355 23.97 -7.39 2.79
CA GLN A 355 23.71 -6.97 4.17
C GLN A 355 24.51 -5.72 4.52
N CYS A 356 25.77 -5.66 4.12
CA CYS A 356 26.62 -4.48 4.41
C CYS A 356 26.05 -3.19 3.79
N GLU A 357 25.70 -3.25 2.51
CA GLU A 357 25.17 -2.09 1.77
C GLU A 357 23.86 -1.56 2.39
N ILE A 358 23.00 -2.48 2.79
CA ILE A 358 21.68 -2.12 3.33
C ILE A 358 21.86 -1.58 4.74
N TRP A 359 22.60 -2.31 5.59
CA TRP A 359 22.86 -1.86 6.96
C TRP A 359 23.53 -0.48 7.00
N THR A 360 24.56 -0.28 6.19
CA THR A 360 25.27 1.03 6.16
C THR A 360 24.35 2.21 5.80
N ALA A 361 23.48 2.01 4.81
CA ALA A 361 22.51 3.05 4.42
C ALA A 361 21.55 3.42 5.54
N PHE A 362 20.99 2.43 6.23
CA PHE A 362 20.07 2.71 7.32
C PHE A 362 20.78 3.35 8.50
N ALA A 363 21.99 2.88 8.80
CA ALA A 363 22.77 3.38 9.92
C ALA A 363 23.13 4.86 9.69
N LYS A 364 23.42 5.20 8.43
CA LYS A 364 23.76 6.57 8.01
C LYS A 364 22.69 7.56 8.49
N ARG A 365 21.43 7.13 8.42
CA ARG A 365 20.32 7.98 8.84
C ARG A 365 19.68 7.55 10.17
N GLY A 366 20.48 6.93 11.05
CA GLY A 366 20.09 6.74 12.43
C GLY A 366 19.21 5.51 12.69
N LEU A 367 19.03 4.67 11.68
CA LEU A 367 18.32 3.39 11.84
C LEU A 367 19.27 2.20 11.83
N GLY A 368 20.41 2.38 12.51
CA GLY A 368 21.41 1.33 12.68
C GLY A 368 20.99 0.29 13.73
N ALA A 369 21.95 -0.57 14.07
CA ALA A 369 21.66 -1.78 14.84
C ALA A 369 21.04 -1.52 16.21
N GLY A 370 21.36 -0.39 16.84
CA GLY A 370 20.77 -0.07 18.15
C GLY A 370 19.48 0.73 18.16
N ALA A 371 18.84 0.92 16.99
CA ALA A 371 17.68 1.80 16.92
C ALA A 371 16.50 1.14 17.60
N LYS A 372 15.72 1.96 18.29
CA LYS A 372 14.57 1.47 19.02
C LYS A 372 13.34 2.29 18.71
N TYR A 373 12.24 1.59 18.47
CA TYR A 373 10.97 2.24 18.28
C TYR A 373 10.40 2.71 19.63
N SER A 374 9.76 3.88 19.59
CA SER A 374 8.90 4.38 20.66
C SER A 374 7.97 5.42 20.05
N SER A 375 6.77 5.56 20.63
CA SER A 375 5.79 6.55 20.17
C SER A 375 6.41 7.95 20.12
N ARG A 376 7.12 8.33 21.17
CA ARG A 376 7.61 9.69 21.25
C ARG A 376 9.10 9.83 21.57
N ASN A 377 9.75 8.70 21.86
CA ASN A 377 11.16 8.72 22.27
C ASN A 377 12.02 7.69 21.56
N ARG A 378 11.93 7.65 20.23
CA ARG A 378 12.76 6.76 19.44
C ARG A 378 14.23 6.99 19.76
N VAL A 379 14.97 5.91 19.79
CA VAL A 379 16.41 5.95 19.95
C VAL A 379 17.05 5.72 18.58
N GLY A 380 17.90 6.64 18.15
CA GLY A 380 18.67 6.50 16.93
C GLY A 380 19.96 5.73 17.12
N SER A 381 20.51 5.22 16.02
CA SER A 381 21.77 4.46 16.03
C SER A 381 22.50 4.55 14.70
N THR A 382 23.81 4.75 14.73
CA THR A 382 24.59 4.74 13.52
C THR A 382 25.46 3.47 13.43
N GLU A 383 25.14 2.48 14.27
CA GLU A 383 25.88 1.23 14.33
C GLU A 383 25.54 0.29 13.19
N VAL A 384 26.57 -0.34 12.64
CA VAL A 384 26.43 -1.42 11.68
C VAL A 384 26.96 -2.66 12.42
N PRO A 385 26.22 -3.78 12.41
CA PRO A 385 26.65 -4.97 13.17
C PRO A 385 28.03 -5.48 12.79
N SER A 386 28.72 -6.06 13.78
CA SER A 386 30.07 -6.60 13.59
C SER A 386 30.13 -7.68 12.52
N GLY A 387 31.04 -7.50 11.58
CA GLY A 387 31.32 -8.50 10.57
C GLY A 387 30.26 -8.69 9.49
N VAL A 388 29.47 -7.65 9.20
CA VAL A 388 28.62 -7.70 8.01
C VAL A 388 29.36 -7.05 6.84
N CYS A 389 30.27 -6.14 7.17
CA CYS A 389 31.08 -5.47 6.16
C CYS A 389 32.50 -6.05 6.16
N THR B 1 -16.14 16.06 8.44
CA THR B 1 -15.61 14.96 9.31
C THR B 1 -14.41 15.44 10.13
N VAL B 2 -14.24 14.87 11.32
CA VAL B 2 -13.19 15.29 12.24
C VAL B 2 -11.78 14.86 11.79
N ASP B 3 -10.74 15.37 12.44
CA ASP B 3 -9.37 14.93 12.14
C ASP B 3 -9.20 13.46 12.53
N LEU B 4 -9.03 12.61 11.52
CA LEU B 4 -8.97 11.16 11.78
C LEU B 4 -7.59 10.67 12.25
N ASN B 5 -6.59 11.54 12.16
CA ASN B 5 -5.24 11.19 12.61
C ASN B 5 -5.24 10.73 14.07
N ALA B 6 -6.09 11.37 14.89
CA ALA B 6 -6.24 11.02 16.31
C ALA B 6 -6.76 9.61 16.56
N PHE B 7 -7.41 9.03 15.55
CA PHE B 7 -8.02 7.71 15.71
C PHE B 7 -7.22 6.58 15.06
N ARG B 8 -6.01 6.86 14.57
CA ARG B 8 -5.20 5.81 13.94
C ARG B 8 -4.96 4.63 14.87
N LEU B 9 -4.92 3.43 14.29
CA LEU B 9 -4.49 2.24 15.04
C LEU B 9 -3.07 2.40 15.57
N LYS B 10 -2.72 1.58 16.56
CA LYS B 10 -1.33 1.48 17.08
C LYS B 10 -0.38 0.58 16.25
N SER B 11 0.92 0.82 16.36
CA SER B 11 1.91 -0.06 15.74
C SER B 11 2.69 -0.73 16.85
N LEU B 12 2.10 -1.81 17.39
CA LEU B 12 2.71 -2.62 18.47
C LEU B 12 2.73 -4.14 18.18
N ALA B 13 2.73 -4.49 16.89
CA ALA B 13 3.12 -5.83 16.46
C ALA B 13 4.58 -6.12 16.84
N LYS B 14 4.95 -7.39 16.86
CA LYS B 14 6.33 -7.80 17.01
C LYS B 14 6.76 -8.44 15.71
N TYR B 15 8.00 -8.21 15.29
CA TYR B 15 8.57 -8.95 14.16
C TYR B 15 9.76 -9.71 14.67
N VAL B 16 9.72 -11.03 14.56
CA VAL B 16 10.85 -11.85 14.96
C VAL B 16 11.63 -12.15 13.69
N ASN B 17 12.74 -11.43 13.49
CA ASN B 17 13.47 -11.49 12.23
C ASN B 17 14.15 -12.84 12.01
N ALA B 18 14.76 -13.04 10.85
CA ALA B 18 15.29 -14.38 10.47
C ALA B 18 16.35 -14.86 11.46
N THR B 19 17.21 -13.95 11.90
CA THR B 19 18.26 -14.26 12.90
C THR B 19 17.66 -14.68 14.23
N GLU B 20 16.74 -13.87 14.75
CA GLU B 20 16.12 -14.14 16.03
C GLU B 20 15.22 -15.39 15.98
N THR B 21 14.63 -15.65 14.82
CA THR B 21 13.80 -16.86 14.62
C THR B 21 14.62 -18.13 14.89
N VAL B 22 15.82 -18.17 14.34
CA VAL B 22 16.75 -19.27 14.62
C VAL B 22 17.07 -19.33 16.13
N ILE B 23 17.42 -18.18 16.72
CA ILE B 23 17.78 -18.11 18.13
C ILE B 23 16.67 -18.58 19.06
N GLU B 24 15.44 -18.10 18.83
CA GLU B 24 14.32 -18.36 19.71
C GLU B 24 13.71 -19.75 19.51
N ALA B 25 14.11 -20.42 18.42
CA ALA B 25 13.59 -21.76 18.13
C ALA B 25 13.89 -22.75 19.26
N PRO B 26 13.05 -23.79 19.41
CA PRO B 26 13.35 -24.89 20.35
C PRO B 26 14.66 -25.58 19.99
N SER B 27 15.53 -25.73 20.99
CA SER B 27 16.85 -26.34 20.80
C SER B 27 16.80 -27.84 21.09
N PRO B 34 9.14 -33.70 2.00
CA PRO B 34 8.56 -32.35 2.07
C PRO B 34 7.46 -32.25 3.11
N GLN B 35 7.17 -31.02 3.53
CA GLN B 35 6.11 -30.72 4.49
C GLN B 35 5.31 -29.55 3.93
N SER B 36 4.00 -29.48 4.21
CA SER B 36 3.19 -28.37 3.66
C SER B 36 3.49 -27.07 4.42
N TYR B 37 3.68 -25.96 3.69
CA TYR B 37 4.04 -24.72 4.39
C TYR B 37 2.92 -24.24 5.31
N VAL B 38 1.66 -24.50 4.93
CA VAL B 38 0.54 -24.11 5.77
C VAL B 38 0.57 -24.92 7.09
N GLU B 39 0.88 -26.20 6.97
CA GLU B 39 0.99 -27.07 8.16
C GLU B 39 2.15 -26.64 9.05
N VAL B 40 3.29 -26.34 8.43
CA VAL B 40 4.45 -25.88 9.18
C VAL B 40 4.12 -24.56 9.90
N ALA B 41 3.51 -23.62 9.19
CA ALA B 41 3.13 -22.32 9.79
C ALA B 41 2.12 -22.48 10.92
N THR B 42 1.11 -23.33 10.72
CA THR B 42 0.07 -23.56 11.73
C THR B 42 0.68 -24.14 13.01
N GLN B 43 1.56 -25.13 12.86
CA GLN B 43 2.25 -25.74 14.02
C GLN B 43 3.04 -24.68 14.76
N HIS B 44 3.65 -23.76 14.02
CA HIS B 44 4.44 -22.68 14.61
C HIS B 44 3.60 -21.72 15.45
N VAL B 45 2.45 -21.29 14.91
CA VAL B 45 1.49 -20.46 15.66
C VAL B 45 1.05 -21.15 16.96
N LYS B 46 0.70 -22.44 16.86
CA LYS B 46 0.33 -23.23 18.05
C LYS B 46 1.43 -23.32 19.12
N MET B 47 2.70 -23.33 18.69
CA MET B 47 3.85 -23.35 19.61
C MET B 47 4.06 -21.99 20.29
N ILE B 48 3.92 -20.92 19.52
CA ILE B 48 4.12 -19.56 20.05
C ILE B 48 2.97 -19.12 20.93
N ALA B 49 1.75 -19.46 20.50
CA ALA B 49 0.52 -19.00 21.13
C ALA B 49 -0.39 -20.18 21.45
N PRO B 50 0.03 -21.02 22.41
CA PRO B 50 -0.65 -22.30 22.64
C PRO B 50 -2.11 -22.21 23.10
N ASP B 51 -2.53 -21.08 23.65
CA ASP B 51 -3.92 -20.93 24.08
C ASP B 51 -4.83 -20.26 23.07
N ALA B 52 -4.26 -19.77 21.97
CA ALA B 52 -5.02 -19.01 20.99
C ALA B 52 -5.88 -19.90 20.12
N THR B 53 -7.10 -19.45 19.84
CA THR B 53 -7.87 -20.04 18.75
C THR B 53 -7.69 -19.06 17.59
N PHE B 54 -7.71 -19.58 16.37
CA PHE B 54 -7.44 -18.74 15.21
C PHE B 54 -7.93 -19.39 13.93
N ARG B 55 -8.00 -18.59 12.87
CA ARG B 55 -8.29 -19.09 11.54
C ARG B 55 -7.13 -18.79 10.60
N VAL B 56 -6.87 -19.73 9.69
CA VAL B 56 -5.90 -19.52 8.62
C VAL B 56 -6.59 -18.68 7.54
N VAL B 57 -5.99 -17.56 7.19
CA VAL B 57 -6.59 -16.68 6.20
C VAL B 57 -6.33 -17.28 4.81
N ASP B 58 -7.35 -17.19 3.97
CA ASP B 58 -7.38 -17.79 2.65
C ASP B 58 -6.64 -16.93 1.61
N ASP B 59 -5.45 -16.44 1.93
CA ASP B 59 -4.69 -15.63 0.99
C ASP B 59 -3.21 -16.02 0.98
N HIS B 60 -2.90 -17.20 1.51
CA HIS B 60 -1.49 -17.64 1.57
C HIS B 60 -0.94 -17.98 0.18
N TYR B 61 0.37 -17.78 -0.01
CA TYR B 61 0.98 -18.06 -1.30
C TYR B 61 2.47 -18.22 -1.15
N VAL B 62 3.08 -18.81 -2.17
CA VAL B 62 4.55 -18.91 -2.25
C VAL B 62 5.05 -17.81 -3.18
N GLY B 63 5.92 -16.95 -2.64
CA GLY B 63 6.48 -15.84 -3.42
C GLY B 63 7.48 -16.33 -4.45
N ASP B 64 7.74 -15.51 -5.47
CA ASP B 64 8.72 -15.92 -6.48
C ASP B 64 10.14 -15.96 -5.93
N ASN B 65 10.33 -15.55 -4.67
CA ASN B 65 11.59 -15.84 -3.97
C ASN B 65 11.67 -17.24 -3.32
N GLY B 66 10.57 -17.99 -3.33
CA GLY B 66 10.55 -19.32 -2.71
C GLY B 66 10.06 -19.31 -1.26
N VAL B 67 9.86 -18.12 -0.71
CA VAL B 67 9.32 -18.00 0.65
C VAL B 67 7.80 -17.98 0.61
N ALA B 68 7.17 -18.82 1.42
CA ALA B 68 5.72 -18.84 1.54
C ALA B 68 5.27 -17.90 2.66
N HIS B 69 4.11 -17.29 2.48
CA HIS B 69 3.56 -16.36 3.47
C HIS B 69 2.21 -16.85 3.88
N VAL B 70 2.01 -17.03 5.19
CA VAL B 70 0.74 -17.49 5.72
C VAL B 70 0.28 -16.49 6.78
N HIS B 71 -0.98 -16.06 6.67
CA HIS B 71 -1.57 -15.14 7.63
C HIS B 71 -2.65 -15.81 8.45
N PHE B 72 -2.70 -15.43 9.72
CA PHE B 72 -3.64 -16.02 10.67
C PHE B 72 -4.38 -14.89 11.36
N ARG B 73 -5.64 -15.13 11.67
CA ARG B 73 -6.44 -14.16 12.40
C ARG B 73 -6.91 -14.82 13.69
N GLN B 74 -6.58 -14.22 14.83
CA GLN B 74 -7.04 -14.78 16.09
C GLN B 74 -8.55 -14.64 16.23
N THR B 75 -9.16 -15.62 16.90
CA THR B 75 -10.57 -15.57 17.21
C THR B 75 -10.81 -15.70 18.73
N ALA B 76 -12.01 -15.30 19.14
CA ALA B 76 -12.47 -15.56 20.52
C ALA B 76 -13.99 -15.64 20.50
N ASN B 77 -14.51 -16.70 21.11
CA ASN B 77 -15.96 -16.93 21.17
C ASN B 77 -16.63 -16.90 19.80
N GLY B 78 -15.92 -17.35 18.77
CA GLY B 78 -16.47 -17.42 17.40
C GLY B 78 -16.48 -16.10 16.64
N LEU B 79 -15.80 -15.10 17.19
CA LEU B 79 -15.63 -13.79 16.52
C LEU B 79 -14.16 -13.59 16.19
N ASP B 80 -13.87 -12.79 15.17
CA ASP B 80 -12.50 -12.35 14.89
C ASP B 80 -12.08 -11.34 15.97
N ILE B 81 -10.81 -11.41 16.38
CA ILE B 81 -10.15 -10.29 17.05
C ILE B 81 -9.45 -9.54 15.91
N ASP B 82 -10.08 -8.46 15.47
CA ASP B 82 -9.87 -7.92 14.13
C ASP B 82 -8.46 -7.34 13.96
N ASN B 83 -7.85 -6.92 15.07
CA ASN B 83 -6.47 -6.42 15.02
C ASN B 83 -5.43 -7.34 15.65
N ALA B 84 -5.74 -8.64 15.69
CA ALA B 84 -4.84 -9.64 16.22
C ALA B 84 -4.45 -10.58 15.08
N ASP B 85 -3.23 -10.43 14.60
CA ASP B 85 -2.75 -11.10 13.40
C ASP B 85 -1.45 -11.83 13.70
N PHE B 86 -1.15 -12.87 12.92
CA PHE B 86 0.11 -13.58 13.00
C PHE B 86 0.47 -13.79 11.52
N ASN B 87 1.69 -13.44 11.15
CA ASN B 87 2.16 -13.71 9.78
C ASN B 87 3.40 -14.59 9.87
N VAL B 88 3.38 -15.70 9.15
CA VAL B 88 4.49 -16.64 9.16
C VAL B 88 5.09 -16.76 7.77
N ASN B 89 6.40 -16.51 7.70
CA ASN B 89 7.17 -16.71 6.48
C ASN B 89 7.94 -18.00 6.56
N VAL B 90 7.67 -18.89 5.61
CA VAL B 90 8.28 -20.22 5.58
C VAL B 90 9.32 -20.26 4.46
N GLY B 91 10.56 -20.56 4.84
CA GLY B 91 11.66 -20.63 3.86
C GLY B 91 11.49 -21.75 2.85
N LYS B 92 12.23 -21.68 1.75
CA LYS B 92 12.17 -22.75 0.74
C LYS B 92 12.64 -24.09 1.32
N ASP B 93 13.39 -24.04 2.43
CA ASP B 93 13.82 -25.25 3.13
C ASP B 93 12.73 -25.88 4.01
N GLY B 94 11.54 -25.30 3.99
CA GLY B 94 10.39 -25.80 4.75
C GLY B 94 10.42 -25.51 6.25
N LYS B 95 11.37 -24.70 6.71
CA LYS B 95 11.39 -24.27 8.11
C LYS B 95 10.91 -22.81 8.20
N VAL B 96 10.38 -22.43 9.36
CA VAL B 96 9.93 -21.03 9.55
C VAL B 96 11.14 -20.12 9.39
N PHE B 97 11.01 -19.13 8.50
CA PHE B 97 12.11 -18.20 8.19
C PHE B 97 12.09 -16.96 9.11
N SER B 98 10.90 -16.39 9.27
CA SER B 98 10.68 -15.24 10.17
C SER B 98 9.18 -15.13 10.37
N TYR B 99 8.75 -14.30 11.34
CA TYR B 99 7.32 -14.16 11.59
C TYR B 99 7.00 -12.91 12.39
N GLY B 100 5.76 -12.47 12.28
CA GLY B 100 5.31 -11.31 13.03
C GLY B 100 4.06 -11.72 13.79
N ASN B 101 3.76 -11.01 14.86
CA ASN B 101 2.46 -11.23 15.44
C ASN B 101 2.00 -10.19 16.43
N SER B 102 0.68 -10.08 16.50
CA SER B 102 0.03 -9.17 17.41
C SER B 102 -1.09 -9.90 18.14
N PHE B 103 -0.90 -11.20 18.37
CA PHE B 103 -1.92 -11.99 19.07
C PHE B 103 -2.12 -11.48 20.50
N TYR B 104 -3.36 -11.59 20.96
CA TYR B 104 -3.76 -11.24 22.31
C TYR B 104 -3.47 -12.43 23.22
N THR B 105 -2.81 -12.17 24.35
CA THR B 105 -2.41 -13.24 25.28
C THR B 105 -3.03 -13.07 26.67
N GLY B 106 -4.06 -12.23 26.77
CA GLY B 106 -4.72 -11.99 28.04
C GLY B 106 -5.92 -12.88 28.27
N GLN B 107 -6.67 -12.55 29.31
CA GLN B 107 -7.87 -13.27 29.68
C GLN B 107 -8.92 -13.06 28.58
N ILE B 108 -9.52 -14.15 28.13
CA ILE B 108 -10.57 -14.06 27.11
C ILE B 108 -11.92 -13.90 27.81
N PRO B 109 -12.73 -12.91 27.37
CA PRO B 109 -14.03 -12.65 27.99
C PRO B 109 -14.99 -13.82 27.85
N SER B 110 -16.01 -13.85 28.71
CA SER B 110 -17.07 -14.84 28.61
C SER B 110 -17.88 -14.65 27.33
N SER B 111 -18.37 -15.75 26.78
CA SER B 111 -19.30 -15.69 25.65
C SER B 111 -20.74 -15.28 26.06
N ALA B 112 -20.96 -15.07 27.36
CA ALA B 112 -22.29 -14.72 27.90
C ALA B 112 -22.94 -13.55 27.18
N ALA B 113 -22.20 -12.45 27.05
CA ALA B 113 -22.72 -11.24 26.42
C ALA B 113 -23.16 -11.50 24.97
N LEU B 114 -22.47 -12.42 24.31
CA LEU B 114 -22.82 -12.79 22.93
C LEU B 114 -24.09 -13.62 22.87
N THR B 115 -24.15 -14.68 23.70
CA THR B 115 -25.32 -15.56 23.79
C THR B 115 -26.58 -14.78 24.17
N LYS B 116 -26.45 -13.94 25.20
CA LYS B 116 -27.55 -13.11 25.68
C LYS B 116 -27.85 -11.94 24.72
N ARG B 117 -26.97 -11.74 23.74
CA ARG B 117 -27.05 -10.59 22.84
C ARG B 117 -27.13 -9.28 23.64
N ASP B 118 -26.24 -9.18 24.63
CA ASP B 118 -26.16 -8.01 25.50
C ASP B 118 -25.12 -7.02 24.99
N PHE B 119 -25.47 -6.37 23.88
CA PHE B 119 -24.66 -5.34 23.24
C PHE B 119 -25.54 -4.45 22.35
N SER B 120 -24.97 -3.33 21.88
CA SER B 120 -25.73 -2.33 21.14
C SER B 120 -26.26 -2.86 19.81
N ASP B 121 -27.35 -2.26 19.36
CA ASP B 121 -27.87 -2.48 18.02
C ASP B 121 -26.83 -1.91 17.03
N PRO B 122 -26.58 -2.61 15.92
CA PRO B 122 -25.65 -2.07 14.91
C PRO B 122 -26.04 -0.70 14.38
N VAL B 123 -27.33 -0.37 14.39
CA VAL B 123 -27.77 0.97 13.97
C VAL B 123 -27.31 2.04 14.96
N THR B 124 -27.32 1.71 16.25
CA THR B 124 -26.77 2.59 17.29
C THR B 124 -25.28 2.85 17.05
N ALA B 125 -24.55 1.79 16.68
CA ALA B 125 -23.13 1.89 16.31
C ALA B 125 -22.91 2.80 15.11
N LEU B 126 -23.75 2.66 14.09
CA LEU B 126 -23.69 3.54 12.92
C LEU B 126 -23.93 5.00 13.28
N LYS B 127 -24.96 5.26 14.08
CA LYS B 127 -25.24 6.62 14.55
C LYS B 127 -24.10 7.22 15.39
N GLY B 128 -23.57 6.44 16.33
CA GLY B 128 -22.43 6.85 17.15
C GLY B 128 -21.20 7.18 16.30
N THR B 129 -20.95 6.37 15.28
CA THR B 129 -19.86 6.61 14.33
C THR B 129 -20.06 7.93 13.57
N THR B 130 -21.24 8.09 12.97
CA THR B 130 -21.58 9.28 12.18
C THR B 130 -21.48 10.57 12.99
N ASN B 131 -22.03 10.54 14.21
CA ASN B 131 -22.04 11.71 15.08
CA ASN B 131 -22.03 11.71 15.09
C ASN B 131 -20.64 12.08 15.58
N THR B 132 -19.92 11.09 16.11
CA THR B 132 -18.60 11.34 16.69
C THR B 132 -17.60 11.80 15.64
N LEU B 133 -17.60 11.12 14.49
CA LEU B 133 -16.66 11.45 13.42
C LEU B 133 -17.13 12.61 12.55
N GLN B 134 -18.39 13.03 12.77
CA GLN B 134 -19.03 14.11 12.00
C GLN B 134 -19.01 13.82 10.50
N LEU B 135 -19.46 12.61 10.15
CA LEU B 135 -19.47 12.15 8.76
C LEU B 135 -20.59 12.84 7.98
N PRO B 136 -20.32 13.22 6.71
CA PRO B 136 -21.32 13.87 5.87
C PRO B 136 -22.31 12.87 5.27
N ILE B 137 -22.99 12.14 6.15
CA ILE B 137 -23.97 11.12 5.76
C ILE B 137 -25.23 11.22 6.64
N THR B 138 -26.37 10.78 6.11
CA THR B 138 -27.63 10.82 6.86
C THR B 138 -28.00 9.41 7.28
N VAL B 139 -28.30 9.24 8.58
CA VAL B 139 -28.53 7.89 9.12
C VAL B 139 -29.87 7.64 9.84
N ASP B 140 -30.99 7.78 9.11
CA ASP B 140 -32.30 7.36 9.60
CA ASP B 140 -32.29 7.35 9.61
C ASP B 140 -32.55 5.92 9.11
N SER B 141 -31.49 5.12 9.24
CA SER B 141 -31.37 3.80 8.63
C SER B 141 -31.94 2.62 9.41
N ALA B 142 -31.99 1.50 8.71
CA ALA B 142 -32.34 0.19 9.26
C ALA B 142 -31.20 -0.78 8.91
N SER B 143 -31.09 -1.86 9.68
CA SER B 143 -30.09 -2.90 9.40
C SER B 143 -30.72 -4.22 8.97
N SER B 144 -29.97 -4.99 8.21
CA SER B 144 -30.42 -6.30 7.74
C SER B 144 -29.29 -7.30 7.83
N GLU B 145 -29.59 -8.51 8.32
CA GLU B 145 -28.62 -9.58 8.46
C GLU B 145 -27.99 -9.97 7.12
N SER B 146 -26.77 -10.48 7.18
CA SER B 146 -26.08 -11.01 6.01
C SER B 146 -25.78 -12.50 6.22
N THR B 147 -24.91 -13.05 5.37
CA THR B 147 -24.49 -14.44 5.48
C THR B 147 -23.59 -14.68 6.69
N LYS B 150 -22.43 -13.60 9.54
CA LYS B 150 -22.25 -13.96 10.95
C LYS B 150 -22.00 -12.71 11.79
N GLU B 151 -23.02 -12.29 12.55
CA GLU B 151 -23.02 -10.99 13.23
C GLU B 151 -22.54 -9.88 12.28
N SER B 152 -23.02 -9.97 11.04
CA SER B 152 -22.64 -9.08 9.97
C SER B 152 -23.91 -8.51 9.33
N TYR B 153 -23.94 -7.20 9.14
CA TYR B 153 -25.14 -6.48 8.74
C TYR B 153 -24.89 -5.45 7.65
N VAL B 154 -25.92 -5.15 6.87
CA VAL B 154 -25.87 -4.05 5.90
C VAL B 154 -26.92 -3.03 6.30
N PHE B 155 -26.63 -1.76 6.08
CA PHE B 155 -27.56 -0.70 6.44
C PHE B 155 -28.29 -0.21 5.21
N LYS B 156 -29.60 -0.02 5.38
CA LYS B 156 -30.46 0.51 4.34
C LYS B 156 -30.96 1.87 4.79
N GLY B 157 -31.26 2.74 3.83
CA GLY B 157 -31.81 4.05 4.13
C GLY B 157 -30.78 5.11 4.48
N VAL B 158 -29.50 4.81 4.22
CA VAL B 158 -28.41 5.77 4.42
C VAL B 158 -28.12 6.56 3.14
N SER B 159 -27.96 7.87 3.31
CA SER B 159 -27.58 8.74 2.20
C SER B 159 -26.18 9.32 2.39
N GLY B 160 -25.42 9.43 1.31
CA GLY B 160 -24.11 10.07 1.34
C GLY B 160 -22.92 9.12 1.21
N THR B 161 -23.20 7.82 1.11
CA THR B 161 -22.13 6.81 0.92
C THR B 161 -22.14 6.26 -0.51
N VAL B 162 -20.98 5.80 -0.98
CA VAL B 162 -20.87 5.23 -2.33
C VAL B 162 -21.53 3.87 -2.44
N SER B 163 -21.57 3.14 -1.33
CA SER B 163 -22.35 1.91 -1.23
C SER B 163 -22.93 1.80 0.17
N ASP B 164 -23.84 0.86 0.38
CA ASP B 164 -24.47 0.69 1.68
C ASP B 164 -23.41 0.42 2.74
N PRO B 165 -23.44 1.18 3.85
CA PRO B 165 -22.54 0.92 4.98
C PRO B 165 -22.83 -0.44 5.59
N LYS B 166 -21.85 -0.97 6.33
CA LYS B 166 -21.98 -2.31 6.91
C LYS B 166 -21.50 -2.30 8.34
N ALA B 167 -21.89 -3.33 9.09
CA ALA B 167 -21.39 -3.52 10.45
C ALA B 167 -21.09 -4.98 10.70
N LYS B 168 -19.99 -5.25 11.41
CA LYS B 168 -19.64 -6.61 11.78
C LYS B 168 -19.18 -6.60 13.23
N LEU B 169 -19.71 -7.53 14.02
CA LEU B 169 -19.29 -7.64 15.42
C LEU B 169 -17.95 -8.36 15.53
N VAL B 170 -17.01 -7.72 16.22
CA VAL B 170 -15.67 -8.27 16.40
C VAL B 170 -15.17 -8.01 17.82
N TYR B 171 -14.07 -8.65 18.19
CA TYR B 171 -13.30 -8.17 19.31
C TYR B 171 -12.18 -7.26 18.79
N PHE B 172 -11.71 -6.36 19.64
CA PHE B 172 -10.68 -5.41 19.25
C PHE B 172 -9.76 -5.18 20.44
N VAL B 173 -8.45 -5.28 20.20
CA VAL B 173 -7.44 -5.06 21.24
C VAL B 173 -7.24 -3.55 21.36
N LYS B 174 -7.66 -3.00 22.49
CA LYS B 174 -7.57 -1.56 22.72
C LYS B 174 -6.13 -1.14 23.03
N ASP B 175 -5.90 0.17 23.03
CA ASP B 175 -4.57 0.71 23.32
C ASP B 175 -4.05 0.38 24.72
N ASP B 176 -4.96 0.02 25.64
CA ASP B 176 -4.54 -0.43 26.97
C ASP B 176 -4.26 -1.94 27.07
N GLY B 177 -4.35 -2.65 25.94
CA GLY B 177 -4.04 -4.07 25.83
C GLY B 177 -5.21 -5.03 26.07
N THR B 178 -6.34 -4.47 26.49
CA THR B 178 -7.51 -5.24 26.84
C THR B 178 -8.45 -5.41 25.63
N LEU B 179 -9.28 -6.44 25.67
CA LEU B 179 -10.23 -6.71 24.58
C LEU B 179 -11.52 -5.95 24.74
N ALA B 180 -11.93 -5.25 23.69
CA ALA B 180 -13.27 -4.67 23.61
C ALA B 180 -14.15 -5.48 22.68
N LEU B 181 -15.44 -5.60 23.02
CA LEU B 181 -16.41 -6.08 22.04
C LEU B 181 -16.85 -4.84 21.26
N ALA B 182 -16.74 -4.89 19.94
CA ALA B 182 -16.94 -3.71 19.12
C ALA B 182 -17.68 -4.02 17.83
N TRP B 183 -18.44 -3.05 17.35
CA TRP B 183 -18.90 -3.06 15.97
C TRP B 183 -17.81 -2.47 15.07
N ARG B 184 -17.47 -3.18 14.01
CA ARG B 184 -16.68 -2.58 12.95
C ARG B 184 -17.63 -2.00 11.92
N VAL B 185 -17.68 -0.68 11.87
CA VAL B 185 -18.59 0.05 11.00
C VAL B 185 -17.84 0.52 9.76
N GLU B 186 -18.26 -0.01 8.60
CA GLU B 186 -17.71 0.39 7.31
C GLU B 186 -18.57 1.45 6.62
N THR B 187 -17.95 2.58 6.32
CA THR B 187 -18.58 3.70 5.61
C THR B 187 -17.65 4.24 4.52
N ASP B 188 -17.99 3.98 3.26
CA ASP B 188 -17.26 4.55 2.13
C ASP B 188 -17.94 5.86 1.69
N ILE B 189 -17.26 6.98 1.89
CA ILE B 189 -17.78 8.31 1.53
C ILE B 189 -16.98 8.94 0.38
N ASP B 190 -16.22 8.10 -0.33
CA ASP B 190 -15.42 8.45 -1.51
C ASP B 190 -14.11 9.19 -1.16
N SER B 191 -14.23 10.32 -0.47
CA SER B 191 -13.07 11.04 0.04
C SER B 191 -12.30 10.19 1.07
N ASN B 192 -13.04 9.34 1.77
CA ASN B 192 -12.51 8.48 2.82
C ASN B 192 -13.31 7.20 2.78
N TRP B 193 -12.69 6.10 3.18
CA TRP B 193 -13.39 4.82 3.19
C TRP B 193 -13.01 4.16 4.50
N LEU B 194 -13.93 4.18 5.45
CA LEU B 194 -13.55 4.01 6.84
C LEU B 194 -14.01 2.68 7.40
N LEU B 195 -13.15 2.05 8.19
CA LEU B 195 -13.56 1.01 9.13
C LEU B 195 -13.44 1.61 10.53
N THR B 196 -14.58 1.82 11.19
CA THR B 196 -14.56 2.40 12.54
C THR B 196 -14.88 1.33 13.58
N TYR B 197 -13.99 1.19 14.56
CA TYR B 197 -14.18 0.25 15.65
C TYR B 197 -14.80 1.00 16.84
N ILE B 198 -16.09 0.78 17.06
CA ILE B 198 -16.82 1.51 18.11
C ILE B 198 -17.31 0.50 19.13
N ASP B 199 -17.13 0.80 20.42
CA ASP B 199 -17.48 -0.15 21.47
C ASP B 199 -18.94 -0.55 21.36
N ALA B 200 -19.23 -1.85 21.52
CA ALA B 200 -20.61 -2.36 21.44
C ALA B 200 -21.25 -2.41 22.83
N LYS B 201 -20.43 -2.26 23.86
CA LYS B 201 -20.92 -2.19 25.23
C LYS B 201 -20.60 -0.80 25.77
N SER B 202 -19.76 -0.76 26.82
CA SER B 202 -19.39 0.49 27.51
C SER B 202 -19.25 1.73 26.63
N GLY B 203 -20.23 2.62 26.75
CA GLY B 203 -20.09 4.03 26.37
C GLY B 203 -20.00 4.43 24.92
N GLU B 204 -19.99 3.48 23.99
CA GLU B 204 -19.98 3.82 22.56
C GLU B 204 -18.67 4.52 22.12
N GLU B 205 -17.57 4.24 22.83
CA GLU B 205 -16.30 4.88 22.53
C GLU B 205 -15.70 4.31 21.25
N ILE B 206 -15.15 5.19 20.41
CA ILE B 206 -14.40 4.75 19.23
C ILE B 206 -12.98 4.38 19.63
N HIS B 207 -12.58 3.16 19.25
CA HIS B 207 -11.25 2.64 19.59
C HIS B 207 -10.21 2.79 18.48
N GLY B 208 -10.67 2.97 17.24
CA GLY B 208 -9.76 3.12 16.13
C GLY B 208 -10.52 3.32 14.84
N VAL B 209 -9.90 3.98 13.88
CA VAL B 209 -10.51 4.20 12.58
C VAL B 209 -9.43 3.91 11.53
N VAL B 210 -9.76 3.01 10.61
CA VAL B 210 -8.89 2.69 9.47
C VAL B 210 -9.45 3.40 8.24
N ASP B 211 -8.58 4.08 7.47
CA ASP B 211 -9.02 4.70 6.21
C ASP B 211 -8.32 3.98 5.05
N TYR B 212 -9.11 3.38 4.16
CA TYR B 212 -8.56 2.77 2.95
C TYR B 212 -8.03 3.78 1.92
N VAL B 213 -8.42 5.05 2.06
CA VAL B 213 -7.94 6.10 1.16
C VAL B 213 -6.68 6.74 1.73
N ALA B 214 -5.63 6.76 0.91
CA ALA B 214 -4.39 7.46 1.23
C ALA B 214 -4.18 8.57 0.19
N GLU B 215 -3.52 9.64 0.61
CA GLU B 215 -3.03 10.64 -0.33
C GLU B 215 -1.64 10.21 -0.76
C1 NAG C . 17.30 -9.18 14.19
C2 NAG C . 18.10 -7.90 13.93
C3 NAG C . 19.49 -8.07 14.54
C4 NAG C . 19.38 -8.38 16.04
C5 NAG C . 18.41 -9.57 16.24
C6 NAG C . 18.13 -9.85 17.71
C7 NAG C . 18.57 -8.35 11.53
C8 NAG C . 18.35 -7.85 10.14
N2 NAG C . 18.19 -7.53 12.52
O3 NAG C . 20.27 -6.91 14.32
O4 NAG C . 20.68 -8.72 16.47
O5 NAG C . 17.17 -9.34 15.58
O6 NAG C . 17.43 -8.77 18.31
O7 NAG C . 19.09 -9.46 11.70
C1 NAG C . 21.03 -8.07 17.71
C2 NAG C . 22.26 -8.76 18.31
C3 NAG C . 22.52 -8.20 19.69
C4 NAG C . 22.71 -6.68 19.59
C5 NAG C . 21.56 -6.03 18.79
C6 NAG C . 21.84 -4.57 18.49
C7 NAG C . 22.50 -10.93 17.28
C8 NAG C . 22.24 -12.41 17.38
N2 NAG C . 22.12 -10.20 18.33
O3 NAG C . 23.66 -8.84 20.22
O4 NAG C . 22.79 -6.10 20.87
O5 NAG C . 21.34 -6.71 17.56
O6 NAG C . 23.07 -4.47 17.82
O7 NAG C . 23.03 -10.45 16.27
C1 BMA C . 23.79 -5.22 20.99
C2 BMA C . 23.64 -4.43 22.29
C3 BMA C . 24.96 -3.80 22.70
C4 BMA C . 26.15 -4.76 22.71
C5 BMA C . 25.93 -6.06 21.90
C6 BMA C . 25.36 -7.21 22.76
O2 BMA C . 23.15 -5.30 23.32
O3 BMA C . 24.79 -3.17 23.98
O4 BMA C . 27.29 -4.06 22.16
O5 BMA C . 25.10 -5.79 20.75
O6 BMA C . 25.90 -8.48 22.39
ZN ZN D . 0.71 9.08 -0.41
CA CA E . -6.60 -9.04 -7.13
CA CA F . -2.65 -6.26 2.80
C1 MLA G . -0.16 13.64 -3.23
O1A MLA G . 0.41 13.55 -4.33
O1B MLA G . -0.98 12.80 -2.79
C2 MLA G . 0.18 14.81 -2.34
C3 MLA G . 1.14 14.36 -1.26
O3A MLA G . 1.65 13.22 -1.35
O3B MLA G . 1.37 15.16 -0.32
B BO3 H . -9.89 -7.36 8.01
O1 BO3 H . -10.44 -6.90 6.64
O2 BO3 H . -10.18 -8.79 8.50
O3 BO3 H . -9.07 -6.45 8.91
B BO3 I . 22.46 -9.32 10.87
O1 BO3 I . 22.19 -8.87 9.43
O2 BO3 I . 21.61 -10.41 11.53
O3 BO3 I . 23.61 -8.67 11.68
C1 GOL J . -5.64 28.97 -15.50
O1 GOL J . -4.27 29.18 -15.75
C2 GOL J . -6.20 28.07 -16.58
O2 GOL J . -5.53 26.82 -16.62
C3 GOL J . -7.69 27.91 -16.32
O3 GOL J . -8.11 26.64 -16.77
C1 GOL K . 12.80 3.10 -15.87
O1 GOL K . 13.30 3.11 -14.55
C2 GOL K . 13.74 3.79 -16.85
O2 GOL K . 15.08 3.51 -16.51
C3 GOL K . 13.50 3.28 -18.26
O3 GOL K . 12.29 3.81 -18.75
B BO3 L . -6.96 -23.47 16.22
O1 BO3 L . -6.75 -23.91 14.76
O2 BO3 L . -6.05 -24.05 17.32
O3 BO3 L . -8.07 -22.47 16.56
C1 GOL M . 15.82 -18.24 3.00
O1 GOL M . 16.82 -18.56 3.95
C2 GOL M . 14.95 -19.47 2.78
O2 GOL M . 13.97 -19.24 1.82
C3 GOL M . 15.84 -20.62 2.35
O3 GOL M . 15.44 -21.75 3.08
#